data_1GV6
#
_entry.id   1GV6
#
_cell.length_a   1.000
_cell.length_b   1.000
_cell.length_c   1.000
_cell.angle_alpha   90.00
_cell.angle_beta   90.00
_cell.angle_gamma   90.00
#
_symmetry.space_group_name_H-M   'P 1'
#
loop_
_entity.id
_entity.type
_entity.pdbx_description
1 polymer '5- D(*CP*(ATL)P*GP*CP*(ATL)P*(ATL)P*CP*(ATL)P* GP*C) -3'
2 polymer '5- D(*GP*CP*AP*GP*AP*AP*GP*CP*AP*G) -3'
#
loop_
_entity_poly.entity_id
_entity_poly.type
_entity_poly.pdbx_seq_one_letter_code
_entity_poly.pdbx_strand_id
1 'polydeoxyribonucleotide/polyribonucleotide hybrid' (DC)(ATL)(DG)(DC)(ATL)(ATL)(DC)(ATL)(DG)(DC) A
2 'polydeoxyribonucleotide' (DG)(DC)(DA)(DG)(DA)(DA)(DG)(DC)(DA)(DG) B
#